data_9GWE
#
_entry.id   9GWE
#
_cell.length_a   93.275
_cell.length_b   61.371
_cell.length_c   119.743
_cell.angle_alpha   90.000
_cell.angle_beta   101.860
_cell.angle_gamma   90.000
#
_symmetry.space_group_name_H-M   'C 1 2 1'
#
loop_
_entity.id
_entity.type
_entity.pdbx_description
1 polymer 'Peroxisome proliferator-activated receptor gamma'
2 non-polymer '4-[5-chloranyl-1-[2-chloranyl-6-(trifluoromethyl)phenyl]carbonyl-indazol-3-yl]-3-[[3-(trifluoromethyloxy)phenyl]methoxy]benzoic acid'
3 water water
#
_entity_poly.entity_id   1
_entity_poly.type   'polypeptide(L)'
_entity_poly.pdbx_seq_one_letter_code
;GSHMESADLRALAKHLYDSYIKSFPLTKAKARAILTGKTTDKSPFVIYDMNSLMMGEDKIKFKHITPLQEQSKEVAIRIF
QGCQFRSVEAVQEITEYAKSIPGFVNLDLNDQVTLLKYGVHEIIYTMLASLMNKDGVLISEGQGFMTREFLKSLRKPFGD
FMEPKFEFAVKFNALELDDSDLAIFIAVIILSGDRPGLLNVKPIEDIQDNLLQALELQLKLNHPESSQLFAKLLQKMTDL
RQIVTEHVQLLQVIKKTETDMSLHPLLQEIYKDLY
;
_entity_poly.pdbx_strand_id   B,A
#
loop_
_chem_comp.id
_chem_comp.type
_chem_comp.name
_chem_comp.formula
A1IPV non-polymer '4-[5-chloranyl-1-[2-chloranyl-6-(trifluoromethyl)phenyl]carbonyl-indazol-3-yl]-3-[[3-(trifluoromethyloxy)phenyl]methoxy]benzoic acid' 'C30 H16 Cl2 F6 N2 O5'
#
# COMPACT_ATOMS: atom_id res chain seq x y z
N MET A 4 14.82 6.06 -20.97
CA MET A 4 16.04 5.27 -21.07
C MET A 4 15.92 4.26 -22.22
N GLU A 5 17.04 4.00 -22.91
CA GLU A 5 17.10 2.97 -23.93
C GLU A 5 17.13 1.58 -23.30
N SER A 6 16.55 0.61 -24.01
CA SER A 6 16.29 -0.70 -23.41
C SER A 6 17.59 -1.39 -22.99
N ALA A 7 18.64 -1.26 -23.80
CA ALA A 7 19.93 -1.88 -23.45
C ALA A 7 20.49 -1.30 -22.15
N ASP A 8 20.22 -0.03 -21.85
CA ASP A 8 20.64 0.53 -20.56
C ASP A 8 19.81 -0.02 -19.42
N LEU A 9 18.52 -0.28 -19.64
CA LEU A 9 17.72 -0.91 -18.60
C LEU A 9 18.19 -2.33 -18.34
N ARG A 10 18.54 -3.07 -19.40
CA ARG A 10 19.06 -4.42 -19.23
C ARG A 10 20.39 -4.43 -18.48
N ALA A 11 21.26 -3.46 -18.76
CA ALA A 11 22.52 -3.34 -18.04
C ALA A 11 22.27 -3.07 -16.55
N LEU A 12 21.33 -2.17 -16.25
CA LEU A 12 20.98 -1.91 -14.87
C LEU A 12 20.42 -3.17 -14.20
N ALA A 13 19.55 -3.92 -14.90
CA ALA A 13 19.02 -5.16 -14.35
C ALA A 13 20.15 -6.14 -13.99
N LYS A 14 21.12 -6.32 -14.89
CA LYS A 14 22.23 -7.24 -14.60
C LYS A 14 23.13 -6.71 -13.48
N HIS A 15 23.43 -5.40 -13.48
CA HIS A 15 24.26 -4.83 -12.41
C HIS A 15 23.64 -5.12 -11.05
N LEU A 16 22.32 -4.99 -10.93
CA LEU A 16 21.66 -5.27 -9.67
C LEU A 16 21.62 -6.78 -9.39
N TYR A 17 21.39 -7.60 -10.42
CA TYR A 17 21.43 -9.04 -10.19
C TYR A 17 22.78 -9.48 -9.64
N ASP A 18 23.88 -9.02 -10.26
CA ASP A 18 25.21 -9.45 -9.85
C ASP A 18 25.52 -9.02 -8.43
N SER A 19 25.11 -7.81 -8.06
CA SER A 19 25.31 -7.32 -6.70
C SER A 19 24.41 -8.05 -5.71
N TYR A 20 23.20 -8.40 -6.13
CA TYR A 20 22.27 -9.13 -5.27
C TYR A 20 22.83 -10.50 -4.90
N ILE A 21 23.49 -11.16 -5.86
CA ILE A 21 24.09 -12.47 -5.63
C ILE A 21 25.26 -12.37 -4.64
N LYS A 22 26.04 -11.28 -4.70
CA LYS A 22 27.16 -11.15 -3.78
C LYS A 22 26.70 -10.76 -2.38
N SER A 23 25.59 -10.05 -2.27
CA SER A 23 25.20 -9.48 -0.99
C SER A 23 24.47 -10.47 -0.08
N PHE A 24 23.69 -11.35 -0.64
CA PHE A 24 22.78 -12.11 0.19
C PHE A 24 23.20 -13.58 0.27
N PRO A 25 23.12 -14.20 1.44
CA PRO A 25 23.75 -15.53 1.60
C PRO A 25 23.03 -16.64 0.84
N LEU A 26 21.71 -16.71 0.89
CA LEU A 26 20.95 -17.80 0.31
C LEU A 26 19.98 -17.20 -0.70
N THR A 27 20.19 -17.49 -1.99
CA THR A 27 19.31 -16.96 -3.02
C THR A 27 17.99 -17.73 -3.05
N LYS A 28 16.99 -17.13 -3.70
CA LYS A 28 15.72 -17.84 -3.88
C LYS A 28 15.90 -19.10 -4.70
N ALA A 29 16.78 -19.07 -5.71
CA ALA A 29 16.99 -20.24 -6.55
C ALA A 29 17.47 -21.43 -5.73
N LYS A 30 18.44 -21.20 -4.83
CA LYS A 30 18.89 -22.27 -3.94
C LYS A 30 17.81 -22.65 -2.95
N ALA A 31 17.14 -21.65 -2.35
CA ALA A 31 16.10 -21.94 -1.36
C ALA A 31 15.03 -22.84 -1.92
N ARG A 32 14.59 -22.61 -3.16
CA ARG A 32 13.52 -23.42 -3.74
C ARG A 32 13.95 -24.87 -3.95
N ALA A 33 15.21 -25.08 -4.35
CA ALA A 33 15.70 -26.44 -4.53
C ALA A 33 15.66 -27.20 -3.21
N ILE A 34 16.02 -26.54 -2.11
CA ILE A 34 15.93 -27.18 -0.81
C ILE A 34 14.48 -27.47 -0.43
N LEU A 35 13.60 -26.48 -0.56
CA LEU A 35 12.24 -26.65 -0.05
C LEU A 35 11.47 -27.73 -0.81
N THR A 36 11.69 -27.81 -2.12
CA THR A 36 11.03 -28.78 -2.98
C THR A 36 11.69 -30.15 -2.88
N GLY A 37 12.91 -30.20 -2.37
CA GLY A 37 13.63 -31.45 -2.24
C GLY A 37 14.35 -31.88 -3.49
N LYS A 38 14.57 -30.96 -4.43
CA LYS A 38 15.22 -31.30 -5.69
C LYS A 38 16.73 -31.21 -5.62
N THR A 39 17.29 -30.70 -4.52
CA THR A 39 18.73 -30.53 -4.47
C THR A 39 19.39 -31.84 -4.08
N THR A 40 20.70 -31.93 -4.38
CA THR A 40 21.49 -33.11 -4.08
C THR A 40 22.13 -33.01 -2.71
N ASP A 41 22.27 -31.79 -2.19
CA ASP A 41 22.89 -31.57 -0.90
C ASP A 41 22.07 -32.23 0.20
N LYS A 42 22.62 -32.24 1.40
CA LYS A 42 22.04 -33.03 2.47
C LYS A 42 20.72 -32.42 2.94
N SER A 43 19.81 -33.29 3.37
CA SER A 43 18.53 -32.82 3.84
C SER A 43 18.74 -31.88 5.02
N PRO A 44 18.04 -30.75 5.07
CA PRO A 44 18.21 -29.87 6.23
C PRO A 44 17.73 -30.59 7.49
N PHE A 45 18.25 -30.14 8.63
CA PHE A 45 17.69 -30.57 9.89
C PHE A 45 16.31 -29.94 10.07
N VAL A 46 15.33 -30.74 10.49
CA VAL A 46 13.95 -30.29 10.55
C VAL A 46 13.55 -30.10 12.00
N ILE A 47 13.05 -28.92 12.32
CA ILE A 47 12.56 -28.60 13.65
C ILE A 47 11.04 -28.56 13.58
N TYR A 48 10.38 -29.47 14.32
CA TYR A 48 8.93 -29.60 14.27
C TYR A 48 8.28 -29.57 15.64
N ASP A 49 9.06 -29.54 16.71
CA ASP A 49 8.53 -29.55 18.08
C ASP A 49 9.68 -29.24 19.04
N MET A 50 9.41 -29.38 20.34
CA MET A 50 10.37 -28.98 21.37
C MET A 50 11.67 -29.76 21.27
N ASN A 51 11.58 -31.10 21.25
CA ASN A 51 12.79 -31.94 21.28
C ASN A 51 13.66 -31.75 20.04
N SER A 52 13.05 -31.69 18.85
CA SER A 52 13.85 -31.42 17.66
C SER A 52 14.48 -30.01 17.69
N LEU A 53 13.80 -29.02 18.26
CA LEU A 53 14.46 -27.72 18.42
C LEU A 53 15.70 -27.85 19.31
N MET A 54 15.58 -28.59 20.42
CA MET A 54 16.72 -28.78 21.31
C MET A 54 17.88 -29.45 20.59
N MET A 55 17.62 -30.49 19.79
CA MET A 55 18.71 -31.11 19.04
C MET A 55 19.26 -30.17 17.96
N GLY A 56 18.39 -29.39 17.31
CA GLY A 56 18.88 -28.50 16.28
C GLY A 56 19.85 -27.44 16.78
N GLU A 57 19.64 -26.94 18.00
CA GLU A 57 20.63 -26.05 18.58
C GLU A 57 21.92 -26.79 18.88
N ASP A 58 21.84 -27.96 19.50
CA ASP A 58 23.06 -28.69 19.80
C ASP A 58 23.75 -29.17 18.51
N LYS A 59 22.99 -29.37 17.41
CA LYS A 59 23.58 -29.73 16.12
C LYS A 59 24.04 -28.50 15.34
N ILE A 60 23.10 -27.70 14.84
CA ILE A 60 23.48 -26.48 14.12
C ILE A 60 24.09 -25.52 15.13
N LYS A 61 24.97 -24.64 14.66
CA LYS A 61 25.61 -23.70 15.57
C LYS A 61 24.81 -22.41 15.47
N PHE A 62 23.86 -22.27 16.40
CA PHE A 62 23.04 -21.06 16.44
C PHE A 62 23.81 -20.00 17.21
N LYS A 63 24.30 -19.00 16.49
CA LYS A 63 24.93 -17.87 17.15
C LYS A 63 23.91 -16.99 17.86
N HIS A 64 22.63 -17.17 17.53
CA HIS A 64 21.59 -16.16 17.67
C HIS A 64 21.42 -15.65 19.09
N ILE A 65 21.13 -16.52 20.03
CA ILE A 65 20.97 -16.11 21.42
C ILE A 65 21.88 -17.07 22.15
N THR A 66 21.42 -18.33 22.26
CA THR A 66 22.20 -19.45 22.77
C THR A 66 23.31 -18.97 23.68
N PRO A 67 22.98 -18.29 24.82
CA PRO A 67 24.00 -17.70 25.70
C PRO A 67 24.82 -18.76 26.42
N LYS A 73 16.55 -19.61 28.81
CA LYS A 73 15.24 -18.99 28.65
C LYS A 73 14.15 -19.99 28.26
N GLU A 74 13.02 -19.45 27.80
CA GLU A 74 11.86 -20.23 27.38
C GLU A 74 11.82 -20.27 25.86
N VAL A 75 11.27 -21.37 25.32
CA VAL A 75 11.46 -21.70 23.91
C VAL A 75 10.87 -20.63 22.98
N ALA A 76 9.68 -20.13 23.30
CA ALA A 76 9.06 -19.11 22.45
C ALA A 76 9.91 -17.84 22.41
N ILE A 77 10.53 -17.50 23.54
CA ILE A 77 11.41 -16.34 23.61
C ILE A 77 12.67 -16.59 22.79
N ARG A 78 13.29 -17.76 22.97
CA ARG A 78 14.52 -18.09 22.27
C ARG A 78 14.34 -18.02 20.75
N ILE A 79 13.23 -18.55 20.24
CA ILE A 79 12.93 -18.46 18.81
C ILE A 79 12.75 -17.00 18.40
N PHE A 80 12.00 -16.23 19.19
CA PHE A 80 11.80 -14.83 18.88
C PHE A 80 13.13 -14.11 18.73
N GLN A 81 14.05 -14.37 19.65
CA GLN A 81 15.37 -13.75 19.60
C GLN A 81 16.19 -14.24 18.41
N GLY A 82 15.99 -15.50 17.97
CA GLY A 82 16.63 -15.95 16.74
C GLY A 82 16.17 -15.17 15.51
N CYS A 83 14.88 -14.82 15.45
CA CYS A 83 14.40 -14.01 14.34
C CYS A 83 15.01 -12.60 14.39
N GLN A 84 15.20 -12.06 15.60
CA GLN A 84 15.83 -10.75 15.72
C GLN A 84 17.29 -10.79 15.32
N PHE A 85 18.03 -11.81 15.79
CA PHE A 85 19.44 -11.95 15.41
C PHE A 85 19.59 -11.97 13.89
N ARG A 86 18.77 -12.76 13.20
CA ARG A 86 18.93 -12.87 11.75
C ARG A 86 18.50 -11.57 11.06
N SER A 87 17.48 -10.90 11.58
CA SER A 87 17.07 -9.61 11.02
C SER A 87 18.18 -8.57 11.11
N VAL A 88 18.93 -8.56 12.22
CA VAL A 88 20.05 -7.63 12.32
C VAL A 88 21.08 -7.91 11.22
N GLU A 89 21.36 -9.19 10.94
CA GLU A 89 22.25 -9.51 9.83
C GLU A 89 21.68 -9.04 8.50
N ALA A 90 20.39 -9.24 8.28
CA ALA A 90 19.79 -8.87 7.01
C ALA A 90 19.89 -7.36 6.77
N VAL A 91 19.70 -6.55 7.81
CA VAL A 91 19.88 -5.10 7.67
C VAL A 91 21.28 -4.75 7.14
N GLN A 92 22.32 -5.39 7.67
CA GLN A 92 23.65 -5.10 7.12
C GLN A 92 23.76 -5.58 5.67
N GLU A 93 23.18 -6.73 5.33
CA GLU A 93 23.26 -7.18 3.95
C GLU A 93 22.55 -6.22 3.01
N ILE A 94 21.37 -5.74 3.40
CA ILE A 94 20.62 -4.79 2.59
C ILE A 94 21.36 -3.45 2.47
N THR A 95 21.99 -3.01 3.56
CA THR A 95 22.75 -1.77 3.55
C THR A 95 23.88 -1.86 2.53
N GLU A 96 24.59 -2.98 2.54
CA GLU A 96 25.64 -3.23 1.56
C GLU A 96 25.09 -3.24 0.14
N TYR A 97 23.99 -3.96 -0.08
CA TYR A 97 23.40 -4.03 -1.42
C TYR A 97 23.00 -2.66 -1.94
N ALA A 98 22.35 -1.84 -1.08
CA ALA A 98 21.91 -0.51 -1.51
C ALA A 98 23.05 0.33 -2.09
N LYS A 99 24.27 0.15 -1.57
CA LYS A 99 25.42 0.91 -2.05
C LYS A 99 25.71 0.63 -3.52
N SER A 100 25.34 -0.55 -4.02
CA SER A 100 25.57 -0.87 -5.42
C SER A 100 24.52 -0.29 -6.35
N ILE A 101 23.45 0.29 -5.81
CA ILE A 101 22.39 0.86 -6.62
C ILE A 101 22.89 2.16 -7.25
N PRO A 102 22.95 2.26 -8.58
CA PRO A 102 23.53 3.47 -9.22
C PRO A 102 22.86 4.76 -8.75
N GLY A 103 23.66 5.69 -8.21
CA GLY A 103 23.16 6.95 -7.70
C GLY A 103 22.99 6.99 -6.18
N PHE A 104 22.89 5.83 -5.51
CA PHE A 104 22.55 5.82 -4.09
C PHE A 104 23.61 6.53 -3.24
N VAL A 105 24.89 6.21 -3.47
CA VAL A 105 25.93 6.78 -2.61
C VAL A 105 26.11 8.27 -2.87
N ASN A 106 25.58 8.78 -3.97
CA ASN A 106 25.68 10.20 -4.24
C ASN A 106 24.58 11.00 -3.55
N LEU A 107 23.63 10.33 -2.92
CA LEU A 107 22.59 11.02 -2.19
C LEU A 107 23.14 11.62 -0.90
N ASP A 108 22.51 12.71 -0.45
CA ASP A 108 22.74 13.28 0.87
C ASP A 108 22.78 12.18 1.94
N LEU A 109 23.80 12.23 2.82
CA LEU A 109 24.05 11.10 3.71
C LEU A 109 22.87 10.86 4.66
N ASN A 110 22.23 11.94 5.11
CA ASN A 110 21.07 11.78 5.98
C ASN A 110 19.94 11.04 5.26
N ASP A 111 19.76 11.30 3.96
CA ASP A 111 18.69 10.67 3.19
C ASP A 111 18.98 9.18 2.97
N GLN A 112 20.25 8.82 2.76
CA GLN A 112 20.61 7.40 2.71
C GLN A 112 20.22 6.70 4.01
N VAL A 113 20.54 7.31 5.16
CA VAL A 113 20.18 6.72 6.44
C VAL A 113 18.66 6.58 6.55
N THR A 114 17.93 7.66 6.22
CA THR A 114 16.48 7.63 6.30
C THR A 114 15.87 6.56 5.39
N LEU A 115 16.37 6.42 4.16
CA LEU A 115 15.75 5.46 3.24
C LEU A 115 15.95 4.04 3.74
N LEU A 116 17.15 3.73 4.25
CA LEU A 116 17.41 2.41 4.84
C LEU A 116 16.57 2.20 6.10
N LYS A 117 16.50 3.19 6.99
CA LYS A 117 15.74 3.06 8.22
C LYS A 117 14.30 2.59 7.97
N TYR A 118 13.61 3.20 6.99
CA TYR A 118 12.21 2.93 6.70
C TYR A 118 12.02 1.85 5.65
N GLY A 119 13.07 1.41 4.97
CA GLY A 119 12.94 0.38 3.97
C GLY A 119 13.27 -1.04 4.41
N VAL A 120 14.17 -1.19 5.39
CA VAL A 120 14.71 -2.53 5.70
C VAL A 120 13.60 -3.47 6.13
N HIS A 121 12.59 -2.95 6.82
CA HIS A 121 11.53 -3.85 7.28
C HIS A 121 10.75 -4.42 6.11
N GLU A 122 10.39 -3.59 5.13
CA GLU A 122 9.67 -4.07 3.95
C GLU A 122 10.53 -5.03 3.14
N ILE A 123 11.84 -4.82 3.09
CA ILE A 123 12.68 -5.70 2.29
C ILE A 123 12.89 -7.04 3.00
N ILE A 124 13.02 -7.02 4.33
CA ILE A 124 13.17 -8.27 5.07
C ILE A 124 11.94 -9.16 4.85
N TYR A 125 10.74 -8.61 4.99
CA TYR A 125 9.53 -9.40 4.74
C TYR A 125 9.53 -9.99 3.33
N THR A 126 9.89 -9.17 2.33
CA THR A 126 9.89 -9.60 0.94
C THR A 126 10.84 -10.76 0.72
N MET A 127 12.05 -10.65 1.24
CA MET A 127 13.06 -11.66 1.00
C MET A 127 12.88 -12.88 1.90
N LEU A 128 12.21 -12.71 3.05
CA LEU A 128 11.85 -13.85 3.87
C LEU A 128 10.92 -14.80 3.11
N ALA A 129 10.05 -14.25 2.26
CA ALA A 129 9.16 -15.06 1.44
C ALA A 129 9.95 -16.00 0.54
N SER A 130 11.12 -15.58 0.07
CA SER A 130 11.96 -16.45 -0.73
C SER A 130 12.35 -17.71 0.02
N LEU A 131 12.41 -17.65 1.35
CA LEU A 131 12.84 -18.80 2.14
C LEU A 131 11.69 -19.61 2.69
N MET A 132 10.43 -19.29 2.37
CA MET A 132 9.26 -19.91 2.98
C MET A 132 8.43 -20.62 1.92
N ASN A 133 7.77 -21.71 2.33
CA ASN A 133 6.60 -22.23 1.62
C ASN A 133 5.44 -22.34 2.60
N LYS A 134 4.36 -23.03 2.20
CA LYS A 134 3.21 -23.10 3.08
C LYS A 134 3.46 -23.93 4.32
N ASP A 135 4.56 -24.70 4.36
CA ASP A 135 4.80 -25.63 5.47
C ASP A 135 5.92 -25.22 6.41
N GLY A 136 6.74 -24.23 6.07
CA GLY A 136 7.79 -23.80 6.99
C GLY A 136 8.81 -22.92 6.30
N VAL A 137 9.93 -22.69 7.00
CA VAL A 137 10.90 -21.67 6.61
C VAL A 137 12.32 -22.22 6.76
N LEU A 138 13.16 -21.94 5.77
CA LEU A 138 14.57 -22.29 5.86
C LEU A 138 15.28 -21.38 6.84
N ILE A 139 16.28 -21.95 7.55
CA ILE A 139 17.09 -21.20 8.49
C ILE A 139 18.56 -21.59 8.26
N SER A 140 19.46 -20.77 8.82
CA SER A 140 20.90 -21.03 8.85
C SER A 140 21.43 -21.32 7.46
N GLU A 141 21.21 -20.36 6.56
CA GLU A 141 21.62 -20.50 5.16
C GLU A 141 21.13 -21.83 4.57
N GLY A 142 19.95 -22.26 5.01
CA GLY A 142 19.33 -23.45 4.47
C GLY A 142 19.70 -24.78 5.10
N GLN A 143 20.60 -24.81 6.09
CA GLN A 143 20.91 -26.06 6.77
C GLN A 143 19.76 -26.58 7.62
N GLY A 144 18.82 -25.73 8.01
CA GLY A 144 17.68 -26.14 8.80
C GLY A 144 16.36 -25.73 8.14
N PHE A 145 15.28 -26.32 8.63
CA PHE A 145 13.93 -26.02 8.18
C PHE A 145 13.02 -26.16 9.40
N MET A 146 12.33 -25.09 9.78
CA MET A 146 11.45 -25.14 10.96
C MET A 146 10.00 -25.04 10.47
N THR A 147 9.13 -25.91 11.00
CA THR A 147 7.79 -26.02 10.45
C THR A 147 6.90 -24.82 10.83
N ARG A 148 5.98 -24.52 9.91
CA ARG A 148 4.99 -23.47 10.15
C ARG A 148 4.13 -23.79 11.36
N GLU A 149 3.74 -25.06 11.51
CA GLU A 149 2.84 -25.47 12.58
C GLU A 149 3.49 -25.33 13.94
N PHE A 150 4.78 -25.65 14.04
CA PHE A 150 5.51 -25.40 15.29
C PHE A 150 5.56 -23.90 15.60
N LEU A 151 5.92 -23.06 14.63
CA LEU A 151 5.95 -21.62 14.88
C LEU A 151 4.56 -21.09 15.25
N LYS A 152 3.54 -21.51 14.50
CA LYS A 152 2.17 -21.05 14.74
C LYS A 152 1.66 -21.47 16.12
N SER A 153 2.19 -22.53 16.69
CA SER A 153 1.70 -23.09 17.95
C SER A 153 2.44 -22.57 19.17
N LEU A 154 3.36 -21.62 19.01
CA LEU A 154 4.00 -21.01 20.16
C LEU A 154 2.98 -20.25 21.00
N ARG A 155 3.24 -20.19 22.30
CA ARG A 155 2.29 -19.67 23.27
C ARG A 155 2.10 -18.16 23.13
N LYS A 156 1.15 -17.66 23.94
CA LYS A 156 0.81 -16.28 24.28
C LYS A 156 0.84 -15.41 23.01
N PRO A 157 1.63 -14.35 22.85
CA PRO A 157 1.55 -13.63 21.57
C PRO A 157 2.50 -14.12 20.49
N PHE A 158 3.37 -15.09 20.79
CA PHE A 158 4.43 -15.43 19.84
C PHE A 158 3.88 -16.19 18.64
N GLY A 159 2.98 -17.15 18.88
CA GLY A 159 2.37 -17.86 17.77
C GLY A 159 1.72 -16.93 16.77
N ASP A 160 0.89 -15.99 17.26
CA ASP A 160 0.23 -15.04 16.38
C ASP A 160 1.19 -14.00 15.81
N PHE A 161 2.41 -13.90 16.32
CA PHE A 161 3.41 -13.04 15.70
C PHE A 161 4.07 -13.69 14.49
N MET A 162 4.24 -15.02 14.52
CA MET A 162 4.92 -15.73 13.44
C MET A 162 4.03 -15.88 12.21
N GLU A 163 2.77 -16.26 12.41
CA GLU A 163 1.93 -16.71 11.31
C GLU A 163 1.70 -15.63 10.23
N PRO A 164 1.43 -14.35 10.55
CA PRO A 164 1.29 -13.35 9.47
C PRO A 164 2.42 -13.34 8.44
N LYS A 165 3.64 -13.70 8.83
CA LYS A 165 4.74 -13.77 7.89
C LYS A 165 4.51 -14.84 6.82
N PHE A 166 3.98 -16.01 7.22
CA PHE A 166 3.67 -17.07 6.27
C PHE A 166 2.47 -16.70 5.38
N GLU A 167 1.44 -16.11 5.98
CA GLU A 167 0.26 -15.72 5.22
C GLU A 167 0.61 -14.73 4.12
N PHE A 168 1.52 -13.78 4.41
CA PHE A 168 2.04 -12.90 3.37
C PHE A 168 2.90 -13.67 2.37
N ALA A 169 3.90 -14.42 2.86
CA ALA A 169 4.83 -15.11 1.96
C ALA A 169 4.11 -16.02 1.00
N VAL A 170 3.11 -16.75 1.48
CA VAL A 170 2.35 -17.65 0.60
C VAL A 170 1.67 -16.85 -0.51
N LYS A 171 1.12 -15.69 -0.17
CA LYS A 171 0.49 -14.83 -1.17
C LYS A 171 1.55 -14.24 -2.12
N PHE A 172 2.65 -13.74 -1.56
CA PHE A 172 3.68 -13.12 -2.39
C PHE A 172 4.32 -14.14 -3.35
N ASN A 173 4.53 -15.37 -2.88
CA ASN A 173 5.22 -16.36 -3.70
C ASN A 173 4.40 -16.79 -4.91
N ALA A 174 3.06 -16.64 -4.87
CA ALA A 174 2.28 -17.00 -6.05
C ALA A 174 2.60 -16.12 -7.26
N LEU A 175 3.32 -15.01 -7.09
CA LEU A 175 3.76 -14.26 -8.26
C LEU A 175 4.93 -14.95 -8.97
N GLU A 176 5.61 -15.87 -8.29
CA GLU A 176 6.67 -16.68 -8.90
C GLU A 176 7.80 -15.82 -9.46
N LEU A 177 8.21 -14.81 -8.71
CA LEU A 177 9.38 -14.03 -9.10
C LEU A 177 10.66 -14.83 -8.87
N ASP A 178 11.67 -14.59 -9.70
CA ASP A 178 12.99 -15.14 -9.44
C ASP A 178 13.92 -14.04 -8.93
N ASP A 179 15.20 -14.39 -8.75
CA ASP A 179 16.17 -13.50 -8.12
C ASP A 179 16.43 -12.27 -8.99
N SER A 180 16.48 -12.44 -10.31
CA SER A 180 16.69 -11.29 -11.19
C SER A 180 15.52 -10.31 -11.09
N ASP A 181 14.30 -10.80 -10.86
CA ASP A 181 13.16 -9.91 -10.62
C ASP A 181 13.32 -9.20 -9.28
N LEU A 182 13.59 -9.97 -8.22
CA LEU A 182 13.65 -9.44 -6.85
C LEU A 182 14.75 -8.39 -6.69
N ALA A 183 15.89 -8.61 -7.34
CA ALA A 183 16.99 -7.66 -7.25
C ALA A 183 16.56 -6.23 -7.59
N ILE A 184 15.75 -6.06 -8.64
CA ILE A 184 15.26 -4.72 -8.98
C ILE A 184 14.12 -4.29 -8.05
N PHE A 185 13.20 -5.22 -7.73
CA PHE A 185 12.10 -4.89 -6.82
C PHE A 185 12.62 -4.30 -5.51
N ILE A 186 13.62 -4.94 -4.92
CA ILE A 186 14.19 -4.47 -3.65
C ILE A 186 14.77 -3.07 -3.80
N ALA A 187 15.43 -2.80 -4.93
CA ALA A 187 15.97 -1.47 -5.18
C ALA A 187 14.85 -0.42 -5.27
N VAL A 188 13.70 -0.78 -5.86
CA VAL A 188 12.57 0.15 -5.94
C VAL A 188 12.07 0.52 -4.55
N ILE A 189 11.99 -0.47 -3.64
CA ILE A 189 11.53 -0.19 -2.28
C ILE A 189 12.45 0.80 -1.57
N ILE A 190 13.77 0.61 -1.71
CA ILE A 190 14.72 1.46 -1.01
C ILE A 190 14.55 2.90 -1.45
N LEU A 191 14.41 3.11 -2.76
CA LEU A 191 14.36 4.45 -3.34
C LEU A 191 12.94 4.98 -3.33
N SER A 192 12.27 4.91 -2.18
CA SER A 192 10.93 5.48 -2.02
C SER A 192 11.03 6.94 -1.58
N GLY A 193 10.50 7.84 -2.39
CA GLY A 193 10.60 9.25 -2.05
C GLY A 193 9.65 9.78 -1.00
N ASP A 194 8.75 8.96 -0.47
CA ASP A 194 7.79 9.43 0.54
C ASP A 194 8.19 9.07 1.97
N ARG A 195 9.43 8.66 2.22
CA ARG A 195 9.79 8.36 3.61
C ARG A 195 9.77 9.65 4.43
N PRO A 196 9.32 9.59 5.69
CA PRO A 196 9.34 10.79 6.54
C PRO A 196 10.76 11.33 6.67
N GLY A 197 10.88 12.65 6.55
CA GLY A 197 12.08 13.38 6.91
C GLY A 197 13.13 13.50 5.83
N LEU A 198 12.82 13.07 4.60
CA LEU A 198 13.76 13.20 3.50
C LEU A 198 14.05 14.67 3.22
N LEU A 199 15.31 14.96 2.95
CA LEU A 199 15.75 16.32 2.66
C LEU A 199 15.65 16.69 1.19
N ASN A 200 15.95 15.75 0.27
CA ASN A 200 16.01 16.07 -1.16
C ASN A 200 15.34 14.95 -1.97
N VAL A 201 14.01 15.05 -2.09
CA VAL A 201 13.20 13.98 -2.70
C VAL A 201 13.50 13.81 -4.19
N LYS A 202 13.81 14.88 -4.89
CA LYS A 202 13.90 14.77 -6.35
C LYS A 202 14.87 13.71 -6.84
N PRO A 203 16.15 13.68 -6.43
CA PRO A 203 17.06 12.67 -6.98
C PRO A 203 16.69 11.25 -6.58
N ILE A 204 15.91 11.06 -5.51
CA ILE A 204 15.46 9.74 -5.09
C ILE A 204 14.37 9.22 -6.03
N GLU A 205 13.40 10.06 -6.35
CA GLU A 205 12.38 9.68 -7.34
C GLU A 205 12.99 9.58 -8.73
N ASP A 206 13.99 10.41 -9.02
CA ASP A 206 14.69 10.28 -10.29
C ASP A 206 15.27 8.88 -10.45
N ILE A 207 15.93 8.38 -9.40
CA ILE A 207 16.51 7.04 -9.45
C ILE A 207 15.43 5.98 -9.49
N GLN A 208 14.37 6.15 -8.70
CA GLN A 208 13.30 5.17 -8.68
C GLN A 208 12.62 5.07 -10.02
N ASP A 209 12.42 6.21 -10.70
CA ASP A 209 11.84 6.18 -12.04
C ASP A 209 12.66 5.28 -12.95
N ASN A 210 13.99 5.32 -12.85
CA ASN A 210 14.81 4.44 -13.66
C ASN A 210 14.69 2.97 -13.23
N LEU A 211 14.67 2.70 -11.92
CA LEU A 211 14.52 1.32 -11.46
C LEU A 211 13.17 0.75 -11.89
N LEU A 212 12.11 1.55 -11.79
CA LEU A 212 10.79 1.12 -12.24
C LEU A 212 10.80 0.77 -13.72
N GLN A 213 11.45 1.59 -14.55
CA GLN A 213 11.60 1.26 -15.97
C GLN A 213 12.29 -0.07 -16.18
N ALA A 214 13.33 -0.36 -15.39
CA ALA A 214 14.06 -1.62 -15.54
C ALA A 214 13.23 -2.78 -15.05
N LEU A 215 12.48 -2.57 -13.96
CA LEU A 215 11.63 -3.64 -13.46
C LEU A 215 10.56 -4.00 -14.48
N GLU A 216 9.91 -3.00 -15.05
CA GLU A 216 8.87 -3.23 -16.06
C GLU A 216 9.40 -4.07 -17.23
N LEU A 217 10.54 -3.66 -17.81
CA LEU A 217 11.10 -4.40 -18.94
C LEU A 217 11.54 -5.80 -18.52
N GLN A 218 12.14 -5.93 -17.34
CA GLN A 218 12.58 -7.22 -16.84
C GLN A 218 11.40 -8.18 -16.73
N LEU A 219 10.29 -7.75 -16.12
CA LEU A 219 9.13 -8.62 -15.96
C LEU A 219 8.47 -8.97 -17.29
N LYS A 220 8.51 -8.05 -18.27
CA LYS A 220 7.90 -8.35 -19.57
C LYS A 220 8.74 -9.37 -20.33
N LEU A 221 10.07 -9.25 -20.27
CA LEU A 221 10.93 -10.20 -20.96
C LEU A 221 10.99 -11.54 -20.23
N ASN A 222 11.04 -11.52 -18.89
CA ASN A 222 11.21 -12.73 -18.11
C ASN A 222 9.90 -13.49 -17.91
N HIS A 223 8.76 -12.79 -17.99
CA HIS A 223 7.44 -13.39 -17.79
C HIS A 223 6.50 -12.87 -18.87
N PRO A 224 6.76 -13.17 -20.15
CA PRO A 224 5.90 -12.61 -21.21
C PRO A 224 4.45 -13.02 -21.10
N GLU A 225 4.17 -14.17 -20.48
CA GLU A 225 2.82 -14.72 -20.35
C GLU A 225 2.06 -14.18 -19.14
N SER A 226 2.72 -13.51 -18.21
CA SER A 226 2.09 -13.08 -16.95
C SER A 226 1.62 -11.63 -17.11
N SER A 227 0.35 -11.45 -17.46
CA SER A 227 -0.19 -10.13 -17.78
C SER A 227 -0.27 -9.23 -16.55
N GLN A 228 0.14 -7.97 -16.74
CA GLN A 228 0.09 -6.94 -15.70
C GLN A 228 0.77 -7.43 -14.43
N LEU A 229 1.86 -8.19 -14.60
CA LEU A 229 2.63 -8.62 -13.44
C LEU A 229 3.32 -7.43 -12.77
N PHE A 230 3.79 -6.47 -13.58
CA PHE A 230 4.36 -5.24 -13.04
C PHE A 230 3.39 -4.59 -12.03
N ALA A 231 2.18 -4.29 -12.49
CA ALA A 231 1.16 -3.71 -11.63
C ALA A 231 0.89 -4.61 -10.42
N LYS A 232 0.77 -5.93 -10.63
CA LYS A 232 0.44 -6.81 -9.51
C LYS A 232 1.53 -6.77 -8.45
N LEU A 233 2.78 -6.61 -8.88
CA LEU A 233 3.88 -6.52 -7.94
C LEU A 233 3.90 -5.18 -7.21
N LEU A 234 3.55 -4.08 -7.89
CA LEU A 234 3.47 -2.80 -7.21
C LEU A 234 2.31 -2.79 -6.22
N GLN A 235 1.20 -3.43 -6.58
CA GLN A 235 0.08 -3.60 -5.65
C GLN A 235 0.53 -4.31 -4.36
N LYS A 236 1.55 -5.19 -4.45
CA LYS A 236 2.05 -5.87 -3.26
C LYS A 236 2.76 -4.92 -2.30
N MET A 237 3.24 -3.77 -2.76
CA MET A 237 3.74 -2.80 -1.80
C MET A 237 2.65 -2.30 -0.86
N THR A 238 1.39 -2.55 -1.18
CA THR A 238 0.32 -2.28 -0.22
C THR A 238 0.31 -3.35 0.88
N ASP A 239 0.35 -4.62 0.49
CA ASP A 239 0.54 -5.70 1.47
C ASP A 239 1.72 -5.40 2.39
N LEU A 240 2.79 -4.81 1.84
CA LEU A 240 4.03 -4.63 2.60
C LEU A 240 3.90 -3.49 3.60
N ARG A 241 3.34 -2.34 3.17
CA ARG A 241 3.16 -1.21 4.07
C ARG A 241 2.27 -1.58 5.24
N GLN A 242 1.19 -2.33 4.97
CA GLN A 242 0.24 -2.68 6.01
C GLN A 242 0.84 -3.68 7.01
N ILE A 243 1.49 -4.74 6.51
CA ILE A 243 1.99 -5.74 7.43
C ILE A 243 3.13 -5.17 8.28
N VAL A 244 3.92 -4.25 7.74
CA VAL A 244 5.00 -3.66 8.55
C VAL A 244 4.42 -2.83 9.70
N THR A 245 3.39 -2.01 9.45
CA THR A 245 2.80 -1.26 10.57
C THR A 245 2.15 -2.21 11.57
N GLU A 246 1.42 -3.22 11.08
CA GLU A 246 0.92 -4.24 11.99
C GLU A 246 2.06 -4.86 12.79
N HIS A 247 3.19 -5.09 12.15
CA HIS A 247 4.32 -5.75 12.80
C HIS A 247 4.86 -4.89 13.94
N VAL A 248 5.03 -3.60 13.67
CA VAL A 248 5.51 -2.66 14.68
C VAL A 248 4.62 -2.71 15.91
N GLN A 249 3.30 -2.67 15.70
CA GLN A 249 2.35 -2.75 16.82
C GLN A 249 2.44 -4.07 17.57
N LEU A 250 2.86 -5.15 16.91
CA LEU A 250 2.97 -6.40 17.62
C LEU A 250 4.21 -6.44 18.52
N LEU A 251 5.34 -5.89 18.04
CA LEU A 251 6.51 -5.77 18.90
C LEU A 251 6.19 -4.90 20.12
N GLN A 252 5.53 -3.76 19.92
CA GLN A 252 5.25 -2.85 21.03
C GLN A 252 4.43 -3.54 22.11
N VAL A 253 3.51 -4.43 21.72
CA VAL A 253 2.73 -5.20 22.68
C VAL A 253 3.62 -6.22 23.41
N ILE A 254 4.55 -6.84 22.68
CA ILE A 254 5.44 -7.83 23.29
C ILE A 254 6.32 -7.17 24.36
N LYS A 255 6.93 -6.03 24.02
CA LYS A 255 7.83 -5.35 24.96
C LYS A 255 7.14 -5.06 26.29
N LYS A 256 5.93 -4.49 26.23
CA LYS A 256 5.20 -4.12 27.44
C LYS A 256 4.76 -5.32 28.27
N THR A 257 4.97 -6.55 27.80
CA THR A 257 4.60 -7.78 28.50
C THR A 257 5.78 -8.66 28.89
N GLU A 258 6.78 -8.80 28.02
CA GLU A 258 7.89 -9.71 28.24
C GLU A 258 9.14 -9.00 28.80
N SER A 262 13.79 -8.90 30.98
CA SER A 262 14.73 -7.89 30.51
C SER A 262 15.96 -8.52 29.86
N LEU A 263 16.69 -7.71 29.10
CA LEU A 263 17.92 -8.08 28.41
C LEU A 263 19.05 -7.13 28.82
N HIS A 264 20.29 -7.58 28.63
CA HIS A 264 21.45 -6.74 28.89
C HIS A 264 21.30 -5.42 28.12
N PRO A 265 21.60 -4.27 28.75
CA PRO A 265 21.46 -2.98 28.03
C PRO A 265 22.20 -2.93 26.70
N LEU A 266 23.41 -3.51 26.63
CA LEU A 266 24.13 -3.63 25.36
C LEU A 266 23.27 -4.35 24.32
N LEU A 267 22.66 -5.48 24.70
CA LEU A 267 21.79 -6.19 23.76
C LEU A 267 20.63 -5.30 23.32
N GLN A 268 19.98 -4.62 24.28
CA GLN A 268 18.89 -3.71 23.94
C GLN A 268 19.32 -2.69 22.88
N GLU A 269 20.52 -2.09 23.06
CA GLU A 269 21.02 -1.15 22.06
C GLU A 269 21.13 -1.81 20.70
N ILE A 270 21.72 -3.01 20.65
CA ILE A 270 21.92 -3.69 19.37
C ILE A 270 20.61 -3.80 18.62
N TYR A 271 19.55 -4.22 19.32
CA TYR A 271 18.22 -4.47 18.77
C TYR A 271 17.28 -3.26 18.78
N LYS A 272 17.74 -2.07 19.17
CA LYS A 272 16.86 -0.89 19.23
C LYS A 272 16.05 -0.63 17.94
N HIS B 3 -4.48 -9.88 -22.01
CA HIS B 3 -3.97 -8.97 -23.05
C HIS B 3 -5.10 -8.50 -23.98
N MET B 4 -5.11 -7.20 -24.30
CA MET B 4 -6.10 -6.60 -25.21
C MET B 4 -5.45 -5.79 -26.32
N GLU B 5 -6.14 -5.72 -27.45
CA GLU B 5 -5.76 -4.80 -28.51
C GLU B 5 -6.10 -3.36 -28.08
N SER B 6 -5.26 -2.42 -28.52
CA SER B 6 -5.33 -1.07 -27.98
C SER B 6 -6.65 -0.37 -28.32
N ALA B 7 -7.21 -0.63 -29.51
CA ALA B 7 -8.50 -0.03 -29.86
C ALA B 7 -9.60 -0.47 -28.90
N ASP B 8 -9.51 -1.70 -28.39
CA ASP B 8 -10.45 -2.14 -27.35
C ASP B 8 -10.16 -1.47 -26.00
N LEU B 9 -8.89 -1.21 -25.69
CA LEU B 9 -8.57 -0.50 -24.46
C LEU B 9 -9.09 0.93 -24.48
N ARG B 10 -8.97 1.61 -25.62
CA ARG B 10 -9.48 2.97 -25.75
C ARG B 10 -11.01 2.98 -25.65
N ALA B 11 -11.66 1.96 -26.21
CA ALA B 11 -13.12 1.86 -26.10
C ALA B 11 -13.55 1.74 -24.64
N LEU B 12 -12.83 0.93 -23.85
CA LEU B 12 -13.11 0.87 -22.41
C LEU B 12 -12.84 2.21 -21.71
N ALA B 13 -11.76 2.89 -22.05
CA ALA B 13 -11.49 4.20 -21.44
C ALA B 13 -12.64 5.18 -21.68
N LYS B 14 -13.13 5.26 -22.92
CA LYS B 14 -14.23 6.16 -23.23
C LYS B 14 -15.51 5.74 -22.49
N HIS B 15 -15.80 4.44 -22.48
CA HIS B 15 -16.97 3.94 -21.78
C HIS B 15 -16.94 4.31 -20.30
N LEU B 16 -15.78 4.12 -19.64
CA LEU B 16 -15.71 4.43 -18.23
C LEU B 16 -15.80 5.94 -17.96
N TYR B 17 -15.10 6.75 -18.78
CA TYR B 17 -15.21 8.21 -18.63
C TYR B 17 -16.67 8.65 -18.80
N ASP B 18 -17.35 8.10 -19.80
CA ASP B 18 -18.75 8.44 -20.06
C ASP B 18 -19.66 8.08 -18.90
N SER B 19 -19.44 6.91 -18.25
CA SER B 19 -20.26 6.54 -17.09
C SER B 19 -19.94 7.42 -15.90
N TYR B 20 -18.67 7.76 -15.74
CA TYR B 20 -18.24 8.60 -14.62
C TYR B 20 -18.89 9.98 -14.71
N ILE B 21 -18.99 10.55 -15.93
CA ILE B 21 -19.68 11.83 -16.11
C ILE B 21 -21.16 11.67 -15.80
N LYS B 22 -21.73 10.50 -16.12
CA LYS B 22 -23.16 10.33 -15.89
C LYS B 22 -23.47 10.12 -14.42
N SER B 23 -22.56 9.49 -13.66
CA SER B 23 -22.78 9.10 -12.27
C SER B 23 -22.42 10.18 -11.24
N PHE B 24 -21.41 11.00 -11.50
CA PHE B 24 -20.93 11.87 -10.43
C PHE B 24 -21.33 13.32 -10.72
N PRO B 25 -21.95 14.00 -9.75
CA PRO B 25 -22.56 15.31 -10.02
C PRO B 25 -21.55 16.42 -10.31
N LEU B 26 -20.43 16.45 -9.63
CA LEU B 26 -19.48 17.54 -9.71
C LEU B 26 -18.14 16.97 -10.13
N THR B 27 -17.74 17.22 -11.36
CA THR B 27 -16.49 16.69 -11.89
C THR B 27 -15.28 17.52 -11.41
N LYS B 28 -14.08 16.94 -11.58
CA LYS B 28 -12.87 17.68 -11.27
C LYS B 28 -12.70 18.87 -12.19
N ALA B 29 -13.10 18.72 -13.47
CA ALA B 29 -12.98 19.84 -14.41
C ALA B 29 -13.82 21.03 -13.96
N LYS B 30 -15.05 20.77 -13.52
CA LYS B 30 -15.90 21.84 -13.01
C LYS B 30 -15.32 22.40 -11.70
N ALA B 31 -14.89 21.52 -10.79
CA ALA B 31 -14.33 21.97 -9.52
C ALA B 31 -13.14 22.90 -9.72
N ARG B 32 -12.25 22.56 -10.65
CA ARG B 32 -11.07 23.38 -10.93
C ARG B 32 -11.47 24.74 -11.51
N ALA B 33 -12.52 24.78 -12.34
CA ALA B 33 -12.97 26.05 -12.89
C ALA B 33 -13.47 26.97 -11.78
N ILE B 34 -14.24 26.41 -10.84
CA ILE B 34 -14.71 27.18 -9.69
C ILE B 34 -13.54 27.63 -8.83
N LEU B 35 -12.61 26.70 -8.54
CA LEU B 35 -11.53 27.01 -7.60
C LEU B 35 -10.61 28.10 -8.14
N THR B 36 -10.31 28.07 -9.44
CA THR B 36 -9.38 29.02 -10.04
C THR B 36 -10.07 30.34 -10.26
N GLY B 37 -11.38 30.32 -10.44
CA GLY B 37 -12.10 31.56 -10.53
C GLY B 37 -11.94 32.18 -11.90
N LYS B 38 -11.64 33.47 -11.86
CA LYS B 38 -11.55 34.36 -13.00
C LYS B 38 -12.96 34.59 -13.54
N THR B 39 -13.92 33.79 -13.10
CA THR B 39 -15.30 33.85 -13.52
C THR B 39 -16.12 34.70 -12.54
N THR B 40 -17.25 35.25 -13.04
CA THR B 40 -18.22 35.86 -12.16
C THR B 40 -19.39 34.94 -11.80
N ASP B 41 -19.84 34.06 -12.70
CA ASP B 41 -21.03 33.24 -12.44
C ASP B 41 -20.77 32.11 -11.43
N LYS B 42 -19.66 31.39 -11.58
CA LYS B 42 -19.35 30.25 -10.74
C LYS B 42 -18.74 30.60 -9.36
N SER B 43 -18.69 31.85 -8.94
CA SER B 43 -18.00 32.22 -7.68
C SER B 43 -18.65 31.67 -6.42
N PRO B 44 -17.94 30.91 -5.59
CA PRO B 44 -18.52 30.40 -4.34
C PRO B 44 -18.55 31.43 -3.22
N PHE B 45 -19.52 31.25 -2.31
CA PHE B 45 -19.46 31.92 -1.01
C PHE B 45 -18.44 31.19 -0.14
N VAL B 46 -17.61 31.94 0.58
CA VAL B 46 -16.49 31.36 1.31
C VAL B 46 -16.81 31.44 2.80
N ILE B 47 -16.76 30.27 3.47
CA ILE B 47 -16.98 30.17 4.91
C ILE B 47 -15.62 29.98 5.58
N TYR B 48 -15.24 30.94 6.43
CA TYR B 48 -13.95 30.95 7.10
C TYR B 48 -14.06 31.10 8.62
N ASP B 49 -15.27 31.27 9.16
CA ASP B 49 -15.49 31.37 10.61
C ASP B 49 -16.98 31.18 10.90
N MET B 50 -17.35 31.37 12.17
CA MET B 50 -18.70 31.07 12.64
C MET B 50 -19.75 31.95 11.95
N ASN B 51 -19.55 33.27 12.00
CA ASN B 51 -20.53 34.21 11.46
C ASN B 51 -20.69 34.04 9.94
N SER B 52 -19.59 33.81 9.21
CA SER B 52 -19.75 33.55 7.79
C SER B 52 -20.51 32.25 7.55
N LEU B 53 -20.31 31.25 8.42
CA LEU B 53 -21.09 30.03 8.34
C LEU B 53 -22.57 30.32 8.57
N MET B 54 -22.88 31.12 9.61
CA MET B 54 -24.25 31.52 9.89
C MET B 54 -24.84 32.29 8.71
N MET B 55 -24.04 33.15 8.10
CA MET B 55 -24.49 33.83 6.88
C MET B 55 -24.72 32.84 5.75
N GLY B 56 -23.99 31.71 5.78
CA GLY B 56 -24.01 30.64 4.78
C GLY B 56 -25.36 29.96 4.56
N GLU B 57 -26.20 29.81 5.61
CA GLU B 57 -27.54 29.22 5.41
C GLU B 57 -28.41 30.09 4.53
N ASP B 58 -28.48 31.39 4.83
CA ASP B 58 -29.34 32.21 4.01
C ASP B 58 -28.80 32.38 2.58
N LYS B 59 -27.49 32.29 2.41
CA LYS B 59 -26.92 32.45 1.08
C LYS B 59 -27.01 31.17 0.28
N ILE B 60 -26.22 30.15 0.64
CA ILE B 60 -26.24 28.85 -0.04
C ILE B 60 -27.31 27.93 0.52
N LYS B 61 -27.13 26.63 0.30
CA LYS B 61 -27.98 25.57 0.82
C LYS B 61 -27.30 24.84 1.98
N PHE B 62 -26.10 25.27 2.40
CA PHE B 62 -25.36 24.63 3.48
C PHE B 62 -25.70 25.23 4.83
N GLU B 74 -24.68 22.41 17.04
CA GLU B 74 -23.31 22.87 17.31
C GLU B 74 -22.43 22.71 16.08
N VAL B 75 -21.49 23.64 15.88
CA VAL B 75 -20.76 23.74 14.61
C VAL B 75 -19.88 22.52 14.32
N ALA B 76 -19.21 21.96 15.33
CA ALA B 76 -18.38 20.80 15.03
C ALA B 76 -19.24 19.65 14.51
N ILE B 77 -20.39 19.42 15.14
CA ILE B 77 -21.30 18.35 14.72
C ILE B 77 -21.98 18.71 13.39
N ARG B 78 -22.51 19.95 13.29
CA ARG B 78 -23.23 20.34 12.09
C ARG B 78 -22.38 20.16 10.84
N ILE B 79 -21.11 20.57 10.90
CA ILE B 79 -20.18 20.35 9.80
C ILE B 79 -19.93 18.86 9.60
N PHE B 80 -19.74 18.10 10.68
CA PHE B 80 -19.55 16.67 10.53
C PHE B 80 -20.72 16.02 9.80
N GLN B 81 -21.94 16.39 10.17
CA GLN B 81 -23.09 15.83 9.50
C GLN B 81 -23.14 16.26 8.03
N GLY B 82 -22.66 17.47 7.72
CA GLY B 82 -22.54 17.86 6.33
C GLY B 82 -21.59 16.97 5.54
N CYS B 83 -20.46 16.58 6.15
CA CYS B 83 -19.54 15.66 5.49
C CYS B 83 -20.15 14.27 5.32
N GLN B 84 -20.88 13.77 6.32
CA GLN B 84 -21.41 12.42 6.22
C GLN B 84 -22.55 12.36 5.20
N PHE B 85 -23.39 13.41 5.15
CA PHE B 85 -24.44 13.48 4.14
C PHE B 85 -23.86 13.34 2.72
N ARG B 86 -22.78 14.06 2.43
CA ARG B 86 -22.17 13.95 1.11
C ARG B 86 -21.48 12.60 0.93
N SER B 87 -20.92 12.06 2.01
CA SER B 87 -20.32 10.74 1.93
C SER B 87 -21.36 9.69 1.53
N VAL B 88 -22.54 9.74 2.14
CA VAL B 88 -23.59 8.77 1.80
C VAL B 88 -24.01 8.92 0.35
N GLU B 89 -24.23 10.17 -0.08
CA GLU B 89 -24.55 10.39 -1.48
C GLU B 89 -23.43 9.84 -2.37
N ALA B 90 -22.18 10.00 -1.94
CA ALA B 90 -21.06 9.49 -2.73
C ALA B 90 -21.08 7.96 -2.81
N VAL B 91 -21.40 7.28 -1.71
CA VAL B 91 -21.55 5.83 -1.79
C VAL B 91 -22.60 5.46 -2.82
N GLN B 92 -23.72 6.19 -2.82
CA GLN B 92 -24.75 5.93 -3.82
C GLN B 92 -24.21 6.13 -5.23
N GLU B 93 -23.45 7.22 -5.44
CA GLU B 93 -22.91 7.51 -6.78
C GLU B 93 -21.89 6.45 -7.20
N ILE B 94 -21.00 6.07 -6.29
CA ILE B 94 -20.00 5.04 -6.61
C ILE B 94 -20.68 3.71 -6.89
N THR B 95 -21.75 3.38 -6.16
CA THR B 95 -22.45 2.13 -6.42
C THR B 95 -23.03 2.14 -7.83
N GLU B 96 -23.67 3.24 -8.22
CA GLU B 96 -24.17 3.35 -9.58
C GLU B 96 -23.03 3.22 -10.59
N TYR B 97 -21.91 3.89 -10.33
CA TYR B 97 -20.79 3.80 -11.26
C TYR B 97 -20.29 2.36 -11.41
N ALA B 98 -20.14 1.64 -10.29
CA ALA B 98 -19.59 0.30 -10.33
C ALA B 98 -20.41 -0.63 -11.21
N LYS B 99 -21.73 -0.45 -11.22
CA LYS B 99 -22.58 -1.30 -12.05
C LYS B 99 -22.24 -1.17 -13.54
N SER B 100 -21.71 0.00 -13.95
CA SER B 100 -21.32 0.22 -15.33
C SER B 100 -19.99 -0.43 -15.68
N ILE B 101 -19.25 -0.91 -14.68
CA ILE B 101 -17.94 -1.50 -14.95
C ILE B 101 -18.14 -2.87 -15.59
N PRO B 102 -17.71 -3.07 -16.85
CA PRO B 102 -18.01 -4.34 -17.54
C PRO B 102 -17.55 -5.55 -16.76
N GLY B 103 -18.48 -6.44 -16.49
CA GLY B 103 -18.25 -7.66 -15.73
C GLY B 103 -18.67 -7.58 -14.27
N PHE B 104 -18.81 -6.37 -13.71
CA PHE B 104 -19.06 -6.25 -12.28
C PHE B 104 -20.39 -6.88 -11.88
N VAL B 105 -21.48 -6.54 -12.59
CA VAL B 105 -22.78 -7.07 -12.17
C VAL B 105 -22.89 -8.57 -12.43
N ASN B 106 -21.96 -9.15 -13.19
CA ASN B 106 -21.97 -10.60 -13.44
C ASN B 106 -21.26 -11.40 -12.35
N LEU B 107 -20.55 -10.76 -11.42
CA LEU B 107 -19.90 -11.46 -10.32
C LEU B 107 -20.93 -11.94 -9.31
N ASP B 108 -20.55 -12.98 -8.55
CA ASP B 108 -21.31 -13.42 -7.39
C ASP B 108 -21.77 -12.26 -6.54
N LEU B 109 -23.03 -12.30 -6.11
CA LEU B 109 -23.65 -11.12 -5.49
C LEU B 109 -22.94 -10.75 -4.20
N ASN B 110 -22.47 -11.75 -3.46
CA ASN B 110 -21.75 -11.50 -2.22
C ASN B 110 -20.45 -10.75 -2.48
N ASP B 111 -19.78 -11.08 -3.58
CA ASP B 111 -18.54 -10.39 -3.94
C ASP B 111 -18.80 -8.97 -4.39
N GLN B 112 -19.92 -8.72 -5.07
CA GLN B 112 -20.27 -7.34 -5.42
C GLN B 112 -20.37 -6.48 -4.16
N VAL B 113 -21.07 -6.97 -3.14
CA VAL B 113 -21.19 -6.24 -1.89
C VAL B 113 -19.83 -6.03 -1.25
N THR B 114 -19.04 -7.11 -1.17
CA THR B 114 -17.72 -7.05 -0.55
C THR B 114 -16.82 -6.04 -1.22
N LEU B 115 -16.86 -5.95 -2.55
CA LEU B 115 -16.01 -5.00 -3.26
C LEU B 115 -16.43 -3.57 -2.98
N LEU B 116 -17.75 -3.31 -2.97
CA LEU B 116 -18.22 -1.98 -2.62
C LEU B 116 -17.89 -1.65 -1.17
N LYS B 117 -18.15 -2.59 -0.26
CA LYS B 117 -17.92 -2.39 1.16
C LYS B 117 -16.52 -1.82 1.45
N TYR B 118 -15.50 -2.42 0.86
CA TYR B 118 -14.11 -2.02 1.10
C TYR B 118 -13.59 -1.00 0.10
N GLY B 119 -14.30 -0.77 -1.00
CA GLY B 119 -13.80 0.15 -2.01
C GLY B 119 -14.30 1.58 -1.85
N VAL B 120 -15.49 1.76 -1.29
CA VAL B 120 -16.12 3.09 -1.32
C VAL B 120 -15.26 4.12 -0.58
N HIS B 121 -14.66 3.73 0.55
CA HIS B 121 -13.92 4.73 1.32
C HIS B 121 -12.70 5.23 0.56
N GLU B 122 -11.95 4.31 -0.07
CA GLU B 122 -10.76 4.70 -0.81
C GLU B 122 -11.13 5.61 -1.97
N ILE B 123 -12.30 5.38 -2.58
CA ILE B 123 -12.75 6.19 -3.70
C ILE B 123 -13.27 7.55 -3.21
N ILE B 124 -13.95 7.59 -2.07
CA ILE B 124 -14.41 8.87 -1.52
C ILE B 124 -13.21 9.79 -1.30
N TYR B 125 -12.16 9.28 -0.67
CA TYR B 125 -10.95 10.08 -0.44
C TYR B 125 -10.37 10.57 -1.75
N THR B 126 -10.29 9.68 -2.74
CA THR B 126 -9.70 10.00 -4.04
C THR B 126 -10.46 11.14 -4.70
N MET B 127 -11.78 11.05 -4.70
CA MET B 127 -12.61 12.02 -5.38
C MET B 127 -12.82 13.27 -4.55
N LEU B 128 -12.67 13.19 -3.23
CA LEU B 128 -12.69 14.39 -2.39
C LEU B 128 -11.54 15.33 -2.75
N ALA B 129 -10.39 14.76 -3.13
CA ALA B 129 -9.24 15.56 -3.53
C ALA B 129 -9.57 16.49 -4.70
N SER B 130 -10.44 16.04 -5.61
CA SER B 130 -10.86 16.88 -6.74
C SER B 130 -11.51 18.17 -6.30
N LEU B 131 -12.14 18.17 -5.11
CA LEU B 131 -12.88 19.33 -4.64
C LEU B 131 -12.02 20.25 -3.77
N MET B 132 -10.74 19.94 -3.62
CA MET B 132 -9.87 20.59 -2.65
C MET B 132 -8.70 21.29 -3.34
N ASN B 133 -8.24 22.38 -2.74
CA ASN B 133 -6.88 22.86 -2.97
C ASN B 133 -6.21 22.97 -1.60
N LYS B 134 -5.04 23.62 -1.55
CA LYS B 134 -4.35 23.67 -0.26
C LYS B 134 -5.07 24.52 0.77
N ASP B 135 -6.03 25.36 0.35
CA ASP B 135 -6.67 26.32 1.25
C ASP B 135 -8.10 25.94 1.66
N GLY B 136 -8.72 24.95 1.04
CA GLY B 136 -10.05 24.52 1.46
C GLY B 136 -10.73 23.60 0.46
N VAL B 137 -12.04 23.42 0.66
CA VAL B 137 -12.83 22.38 -0.02
C VAL B 137 -14.16 22.94 -0.53
N LEU B 138 -14.57 22.54 -1.74
CA LEU B 138 -15.88 22.93 -2.25
C LEU B 138 -17.00 22.18 -1.54
N ILE B 139 -18.13 22.85 -1.34
CA ILE B 139 -19.30 22.29 -0.68
C ILE B 139 -20.55 22.71 -1.45
N SER B 140 -21.66 22.05 -1.12
CA SER B 140 -22.99 22.40 -1.65
C SER B 140 -22.97 22.47 -3.18
N GLU B 141 -22.52 21.36 -3.77
CA GLU B 141 -22.34 21.20 -5.23
C GLU B 141 -21.55 22.36 -5.83
N GLY B 142 -20.58 22.86 -5.06
CA GLY B 142 -19.69 23.89 -5.54
C GLY B 142 -20.16 25.31 -5.33
N GLN B 143 -21.36 25.53 -4.79
CA GLN B 143 -21.79 26.89 -4.47
C GLN B 143 -21.02 27.48 -3.31
N GLY B 144 -20.39 26.64 -2.48
CA GLY B 144 -19.66 27.11 -1.32
C GLY B 144 -18.21 26.65 -1.33
N PHE B 145 -17.43 27.26 -0.43
CA PHE B 145 -16.03 26.89 -0.22
C PHE B 145 -15.74 27.13 1.26
N MET B 146 -15.33 26.08 1.96
CA MET B 146 -15.04 26.17 3.38
C MET B 146 -13.53 26.03 3.56
N THR B 147 -12.94 26.95 4.34
CA THR B 147 -11.49 27.04 4.41
C THR B 147 -10.89 25.91 5.23
N ARG B 148 -9.69 25.50 4.84
CA ARG B 148 -9.00 24.43 5.57
C ARG B 148 -8.74 24.81 7.01
N GLU B 149 -8.30 26.05 7.24
CA GLU B 149 -7.95 26.45 8.60
C GLU B 149 -9.17 26.49 9.50
N PHE B 150 -10.34 26.83 8.96
CA PHE B 150 -11.57 26.75 9.75
C PHE B 150 -11.87 25.31 10.17
N LEU B 151 -11.82 24.37 9.21
CA LEU B 151 -12.09 22.97 9.53
C LEU B 151 -11.10 22.43 10.55
N LYS B 152 -9.81 22.73 10.37
CA LYS B 152 -8.76 22.32 11.29
C LYS B 152 -8.96 22.90 12.69
N SER B 153 -9.68 24.01 12.81
CA SER B 153 -9.84 24.66 14.10
C SER B 153 -11.11 24.24 14.84
N LEU B 154 -11.84 23.27 14.32
CA LEU B 154 -12.99 22.75 15.05
C LEU B 154 -12.53 22.09 16.36
N ARG B 155 -13.41 22.14 17.36
CA ARG B 155 -13.08 21.72 18.72
C ARG B 155 -12.92 20.20 18.82
N LYS B 156 -12.56 19.75 20.04
CA LYS B 156 -12.60 18.36 20.51
C LYS B 156 -11.68 17.51 19.64
N PRO B 157 -12.18 16.42 19.08
CA PRO B 157 -11.42 15.63 18.10
C PRO B 157 -11.70 16.00 16.64
N PHE B 158 -12.66 16.90 16.39
CA PHE B 158 -13.16 17.11 15.03
C PHE B 158 -12.16 17.82 14.14
N GLY B 159 -11.45 18.83 14.67
CA GLY B 159 -10.45 19.51 13.87
C GLY B 159 -9.40 18.56 13.29
N ASP B 160 -8.83 17.70 14.14
CA ASP B 160 -7.84 16.73 13.70
C ASP B 160 -8.45 15.60 12.87
N PHE B 161 -9.78 15.47 12.86
CA PHE B 161 -10.43 14.52 11.97
C PHE B 161 -10.51 15.07 10.54
N MET B 162 -10.64 16.40 10.38
CA MET B 162 -10.78 17.03 9.07
C MET B 162 -9.45 17.11 8.33
N GLU B 163 -8.38 17.46 9.05
CA GLU B 163 -7.13 17.82 8.38
C GLU B 163 -6.50 16.71 7.55
N PRO B 164 -6.43 15.44 8.00
CA PRO B 164 -5.83 14.39 7.15
C PRO B 164 -6.39 14.30 5.74
N LYS B 165 -7.68 14.62 5.53
CA LYS B 165 -8.21 14.60 4.17
C LYS B 165 -7.48 15.61 3.29
N PHE B 166 -7.16 16.79 3.85
CA PHE B 166 -6.41 17.79 3.09
C PHE B 166 -4.98 17.35 2.83
N GLU B 167 -4.33 16.75 3.83
CA GLU B 167 -2.94 16.31 3.68
C GLU B 167 -2.79 15.30 2.55
N PHE B 168 -3.75 14.38 2.42
CA PHE B 168 -3.73 13.46 1.29
C PHE B 168 -3.99 14.21 -0.01
N ALA B 169 -5.07 15.01 -0.05
CA ALA B 169 -5.48 15.63 -1.31
C ALA B 169 -4.38 16.46 -1.94
N VAL B 170 -3.62 17.22 -1.13
CA VAL B 170 -2.55 18.05 -1.68
C VAL B 170 -1.52 17.19 -2.40
N LYS B 171 -1.20 16.03 -1.82
CA LYS B 171 -0.23 15.14 -2.45
C LYS B 171 -0.81 14.49 -3.70
N PHE B 172 -2.03 13.95 -3.61
CA PHE B 172 -2.64 13.30 -4.78
C PHE B 172 -2.82 14.27 -5.93
N ASN B 173 -3.19 15.52 -5.63
CA ASN B 173 -3.43 16.50 -6.69
C ASN B 173 -2.16 16.87 -7.42
N ALA B 174 -0.99 16.66 -6.80
CA ALA B 174 0.25 16.95 -7.48
C ALA B 174 0.48 16.04 -8.68
N LEU B 175 -0.28 14.96 -8.81
CA LEU B 175 -0.22 14.11 -9.99
C LEU B 175 -0.91 14.73 -11.19
N GLU B 176 -1.84 15.67 -10.98
CA GLU B 176 -2.53 16.39 -12.06
C GLU B 176 -3.33 15.43 -12.96
N LEU B 177 -4.08 14.52 -12.33
CA LEU B 177 -4.99 13.68 -13.09
C LEU B 177 -6.23 14.47 -13.48
N ASP B 178 -6.82 14.14 -14.63
CA ASP B 178 -8.13 14.68 -14.93
C ASP B 178 -9.17 13.58 -14.81
N ASP B 179 -10.42 13.92 -15.15
CA ASP B 179 -11.53 13.01 -14.90
C ASP B 179 -11.39 11.73 -15.71
N SER B 180 -10.92 11.83 -16.96
CA SER B 180 -10.76 10.63 -17.78
C SER B 180 -9.75 9.65 -17.17
N ASP B 181 -8.71 10.16 -16.51
CA ASP B 181 -7.81 9.27 -15.78
C ASP B 181 -8.50 8.66 -14.58
N LEU B 182 -9.16 9.50 -13.78
CA LEU B 182 -9.79 9.06 -12.52
C LEU B 182 -10.87 8.01 -12.77
N ALA B 183 -11.62 8.15 -13.86
CA ALA B 183 -12.64 7.15 -14.17
C ALA B 183 -12.04 5.74 -14.18
N ILE B 184 -10.87 5.57 -14.82
CA ILE B 184 -10.26 4.25 -14.86
C ILE B 184 -9.63 3.87 -13.53
N PHE B 185 -8.93 4.82 -12.88
CA PHE B 185 -8.32 4.58 -11.58
C PHE B 185 -9.34 4.09 -10.56
N ILE B 186 -10.50 4.76 -10.50
CA ILE B 186 -11.53 4.38 -9.55
C ILE B 186 -12.03 2.97 -9.83
N ALA B 187 -12.19 2.61 -11.11
CA ALA B 187 -12.65 1.28 -11.47
C ALA B 187 -11.64 0.22 -11.04
N VAL B 188 -10.35 0.51 -11.16
CA VAL B 188 -9.31 -0.42 -10.73
C VAL B 188 -9.42 -0.69 -9.23
N ILE B 189 -9.65 0.36 -8.44
CA ILE B 189 -9.76 0.21 -6.99
C ILE B 189 -10.92 -0.71 -6.64
N ILE B 190 -12.07 -0.55 -7.29
CA ILE B 190 -13.23 -1.34 -6.94
C ILE B 190 -12.94 -2.83 -7.16
N LEU B 191 -12.32 -3.16 -8.28
CA LEU B 191 -12.08 -4.55 -8.68
C LEU B 191 -10.79 -5.11 -8.10
N SER B 192 -10.58 -4.94 -6.80
CA SER B 192 -9.40 -5.50 -6.13
C SER B 192 -9.73 -6.91 -5.67
N GLY B 193 -8.94 -7.88 -6.15
CA GLY B 193 -9.15 -9.26 -5.76
C GLY B 193 -8.64 -9.63 -4.39
N ASP B 194 -8.00 -8.71 -3.68
CA ASP B 194 -7.42 -8.96 -2.38
C ASP B 194 -8.27 -8.47 -1.22
N ARG B 195 -9.55 -8.14 -1.46
CA ARG B 195 -10.43 -7.76 -0.37
C ARG B 195 -10.70 -8.96 0.55
N PRO B 196 -10.83 -8.75 1.85
CA PRO B 196 -11.15 -9.87 2.74
C PRO B 196 -12.50 -10.49 2.39
N GLY B 197 -12.53 -11.81 2.34
CA GLY B 197 -13.76 -12.57 2.25
C GLY B 197 -14.32 -12.79 0.86
N LEU B 198 -13.61 -12.37 -0.19
CA LEU B 198 -14.06 -12.62 -1.55
C LEU B 198 -14.17 -14.12 -1.81
N LEU B 199 -15.24 -14.53 -2.49
CA LEU B 199 -15.45 -15.95 -2.77
C LEU B 199 -14.74 -16.43 -4.03
N ASN B 200 -14.67 -15.62 -5.09
CA ASN B 200 -14.14 -16.05 -6.40
C ASN B 200 -13.18 -14.99 -6.87
N VAL B 201 -11.91 -15.07 -6.45
CA VAL B 201 -10.96 -14.00 -6.73
C VAL B 201 -10.66 -13.89 -8.23
N LYS B 202 -10.51 -15.03 -8.92
CA LYS B 202 -10.04 -15.01 -10.31
C LYS B 202 -10.90 -14.16 -11.23
N PRO B 203 -12.23 -14.27 -11.26
CA PRO B 203 -13.00 -13.43 -12.17
C PRO B 203 -12.86 -11.96 -11.85
N ILE B 204 -12.50 -11.61 -10.61
CA ILE B 204 -12.25 -10.23 -10.27
C ILE B 204 -10.89 -9.77 -10.81
N GLU B 205 -9.86 -10.61 -10.65
CA GLU B 205 -8.55 -10.24 -11.17
C GLU B 205 -8.53 -10.13 -12.70
N ASP B 206 -9.30 -10.99 -13.39
CA ASP B 206 -9.40 -10.89 -14.85
C ASP B 206 -9.96 -9.54 -15.27
N ILE B 207 -10.98 -9.05 -14.57
CA ILE B 207 -11.51 -7.73 -14.87
C ILE B 207 -10.47 -6.64 -14.53
N GLN B 208 -9.76 -6.79 -13.40
CA GLN B 208 -8.79 -5.75 -13.03
C GLN B 208 -7.64 -5.69 -14.04
N ASP B 209 -7.19 -6.85 -14.53
CA ASP B 209 -6.13 -6.86 -15.55
C ASP B 209 -6.53 -6.03 -16.76
N ASN B 210 -7.80 -6.12 -17.17
CA ASN B 210 -8.23 -5.33 -18.31
C ASN B 210 -8.25 -3.84 -17.98
N LEU B 211 -8.76 -3.50 -16.80
CA LEU B 211 -8.78 -2.11 -16.37
C LEU B 211 -7.37 -1.56 -16.21
N LEU B 212 -6.47 -2.36 -15.64
CA LEU B 212 -5.07 -1.93 -15.49
C LEU B 212 -4.44 -1.67 -16.86
N GLN B 213 -4.67 -2.57 -17.83
CA GLN B 213 -4.19 -2.32 -19.19
C GLN B 213 -4.76 -1.01 -19.71
N ALA B 214 -6.03 -0.75 -19.41
CA ALA B 214 -6.68 0.46 -19.92
C ALA B 214 -6.10 1.71 -19.25
N LEU B 215 -5.84 1.62 -17.94
CA LEU B 215 -5.26 2.75 -17.21
C LEU B 215 -3.88 3.09 -17.74
N GLU B 216 -3.04 2.07 -17.91
CA GLU B 216 -1.67 2.26 -18.39
C GLU B 216 -1.64 2.97 -19.74
N LEU B 217 -2.38 2.46 -20.72
CA LEU B 217 -2.39 3.10 -22.04
C LEU B 217 -2.96 4.51 -21.96
N GLN B 218 -4.01 4.71 -21.16
CA GLN B 218 -4.61 6.04 -21.01
C GLN B 218 -3.58 7.04 -20.47
N LEU B 219 -2.88 6.68 -19.39
CA LEU B 219 -1.90 7.59 -18.81
C LEU B 219 -0.74 7.88 -19.77
N LYS B 220 -0.40 6.91 -20.62
CA LYS B 220 0.69 7.15 -21.57
C LYS B 220 0.26 8.16 -22.64
N LEU B 221 -0.99 8.05 -23.12
CA LEU B 221 -1.46 8.95 -24.15
C LEU B 221 -1.79 10.33 -23.59
N ASN B 222 -2.44 10.39 -22.43
CA ASN B 222 -2.88 11.65 -21.86
C ASN B 222 -1.78 12.39 -21.11
N HIS B 223 -0.75 11.70 -20.64
CA HIS B 223 0.32 12.32 -19.87
C HIS B 223 1.66 11.81 -20.37
N PRO B 224 1.96 12.04 -21.66
CA PRO B 224 3.20 11.47 -22.23
C PRO B 224 4.48 12.01 -21.61
N GLU B 225 4.45 13.20 -21.02
CA GLU B 225 5.64 13.76 -20.41
C GLU B 225 5.85 13.28 -18.98
N SER B 226 4.84 12.63 -18.40
CA SER B 226 4.85 12.27 -16.99
C SER B 226 5.40 10.85 -16.88
N SER B 227 6.69 10.75 -16.60
CA SER B 227 7.35 9.45 -16.63
C SER B 227 6.89 8.57 -15.47
N GLN B 228 6.58 7.31 -15.79
CA GLN B 228 6.19 6.29 -14.81
C GLN B 228 5.02 6.74 -13.95
N LEU B 229 4.08 7.48 -14.56
CA LEU B 229 2.89 7.91 -13.83
C LEU B 229 2.01 6.73 -13.44
N PHE B 230 1.96 5.71 -14.30
CA PHE B 230 1.24 4.47 -13.97
C PHE B 230 1.71 3.94 -12.62
N ALA B 231 3.00 3.63 -12.52
CA ALA B 231 3.57 3.16 -11.25
C ALA B 231 3.29 4.14 -10.12
N LYS B 232 3.47 5.44 -10.37
CA LYS B 232 3.28 6.41 -9.29
C LYS B 232 1.83 6.43 -8.82
N LEU B 233 0.89 6.21 -9.74
CA LEU B 233 -0.52 6.20 -9.33
C LEU B 233 -0.88 4.94 -8.55
N LEU B 234 -0.31 3.79 -8.90
CA LEU B 234 -0.56 2.58 -8.12
C LEU B 234 0.04 2.70 -6.72
N GLN B 235 1.19 3.35 -6.61
CA GLN B 235 1.79 3.65 -5.32
C GLN B 235 0.86 4.49 -4.45
N LYS B 236 0.00 5.33 -5.05
CA LYS B 236 -0.94 6.12 -4.26
C LYS B 236 -2.03 5.26 -3.63
N MET B 237 -2.35 4.13 -4.25
CA MET B 237 -3.24 3.16 -3.64
C MET B 237 -2.67 2.58 -2.37
N THR B 238 -1.39 2.80 -2.08
CA THR B 238 -0.86 2.48 -0.77
C THR B 238 -1.26 3.53 0.26
N ASP B 239 -1.02 4.80 -0.04
CA ASP B 239 -1.48 5.89 0.83
C ASP B 239 -2.94 5.72 1.20
N LEU B 240 -3.78 5.29 0.24
CA LEU B 240 -5.22 5.23 0.46
C LEU B 240 -5.57 4.15 1.45
N ARG B 241 -4.94 2.98 1.33
CA ARG B 241 -5.21 1.88 2.24
C ARG B 241 -4.93 2.27 3.69
N GLN B 242 -3.81 2.96 3.93
CA GLN B 242 -3.43 3.34 5.29
C GLN B 242 -4.33 4.46 5.83
N ILE B 243 -4.64 5.47 4.99
CA ILE B 243 -5.43 6.60 5.46
C ILE B 243 -6.87 6.18 5.74
N VAL B 244 -7.40 5.18 5.03
CA VAL B 244 -8.74 4.69 5.34
C VAL B 244 -8.75 4.02 6.71
N THR B 245 -7.70 3.26 7.03
CA THR B 245 -7.64 2.62 8.33
C THR B 245 -7.60 3.65 9.46
N GLU B 246 -6.76 4.67 9.31
CA GLU B 246 -6.73 5.74 10.29
C GLU B 246 -8.09 6.39 10.44
N HIS B 247 -8.81 6.56 9.33
CA HIS B 247 -10.11 7.23 9.37
C HIS B 247 -11.09 6.43 10.22
N VAL B 248 -11.20 5.14 9.93
CA VAL B 248 -12.11 4.27 10.67
C VAL B 248 -11.78 4.28 12.16
N GLN B 249 -10.50 4.13 12.49
CA GLN B 249 -10.11 4.16 13.90
C GLN B 249 -10.38 5.52 14.54
N LEU B 250 -10.31 6.59 13.76
CA LEU B 250 -10.58 7.88 14.36
C LEU B 250 -12.08 8.06 14.57
N LEU B 251 -12.88 7.60 13.61
CA LEU B 251 -14.33 7.65 13.75
C LEU B 251 -14.79 6.86 14.98
N GLN B 252 -14.25 5.65 15.18
CA GLN B 252 -14.70 4.83 16.31
C GLN B 252 -14.40 5.50 17.65
N VAL B 253 -13.25 6.17 17.76
CA VAL B 253 -12.93 6.86 19.00
C VAL B 253 -13.90 8.00 19.24
N ILE B 254 -14.27 8.72 18.17
CA ILE B 254 -15.23 9.82 18.27
C ILE B 254 -16.58 9.30 18.76
N LYS B 255 -17.04 8.19 18.16
CA LYS B 255 -18.33 7.61 18.54
C LYS B 255 -18.41 7.35 20.04
N LYS B 256 -17.35 6.77 20.62
CA LYS B 256 -17.36 6.42 22.04
C LYS B 256 -17.45 7.64 22.96
N THR B 257 -17.47 8.85 22.39
CA THR B 257 -17.63 10.12 23.12
C THR B 257 -18.90 10.86 22.75
N GLU B 258 -19.25 10.90 21.46
CA GLU B 258 -20.38 11.69 20.97
C GLU B 258 -21.61 10.79 20.77
N THR B 259 -22.50 10.79 21.78
CA THR B 259 -23.81 10.15 21.68
C THR B 259 -24.79 10.90 20.79
N ASP B 260 -24.56 12.20 20.55
CA ASP B 260 -25.36 12.98 19.62
C ASP B 260 -24.88 12.81 18.17
N MET B 261 -24.44 11.60 17.82
CA MET B 261 -24.01 11.31 16.46
C MET B 261 -24.52 9.93 16.08
N SER B 262 -25.43 9.89 15.11
CA SER B 262 -25.79 8.65 14.44
C SER B 262 -25.20 8.68 13.04
N LEU B 263 -25.11 7.50 12.43
CA LEU B 263 -24.58 7.39 11.08
C LEU B 263 -25.64 6.80 10.17
N HIS B 264 -25.62 7.23 8.92
CA HIS B 264 -26.54 6.71 7.92
C HIS B 264 -26.39 5.18 7.82
N PRO B 265 -27.49 4.43 7.69
CA PRO B 265 -27.37 2.96 7.65
C PRO B 265 -26.38 2.46 6.61
N LEU B 266 -26.33 3.10 5.44
CA LEU B 266 -25.33 2.75 4.42
C LEU B 266 -23.91 2.77 4.98
N LEU B 267 -23.52 3.90 5.59
CA LEU B 267 -22.20 4.01 6.22
C LEU B 267 -22.08 3.07 7.41
N GLN B 268 -23.12 3.03 8.25
CA GLN B 268 -23.10 2.17 9.42
C GLN B 268 -22.80 0.72 9.07
N GLU B 269 -23.49 0.17 8.06
CA GLU B 269 -23.22 -1.20 7.64
C GLU B 269 -21.79 -1.37 7.14
N ILE B 270 -21.31 -0.45 6.30
CA ILE B 270 -19.94 -0.54 5.78
C ILE B 270 -18.93 -0.63 6.91
N TYR B 271 -19.15 0.11 8.01
CA TYR B 271 -18.15 0.10 9.07
C TYR B 271 -18.29 -1.11 9.97
N LYS B 272 -19.49 -1.72 10.02
CA LYS B 272 -19.67 -2.96 10.77
C LYS B 272 -18.74 -4.02 10.18
N ASP B 273 -17.77 -4.48 10.98
CA ASP B 273 -16.71 -5.36 10.47
C ASP B 273 -16.01 -4.69 9.27
O2 A1IPV C . 17.34 -15.16 6.43
C17 A1IPV C . 9.00 -15.11 11.70
C18 A1IPV C . 9.81 -15.90 10.89
C2 A1IPV C . 15.53 -13.94 7.34
C3 A1IPV C . 14.87 -12.72 7.41
C16 A1IPV C . 9.36 -13.82 11.99
O3 A1IPV C . 9.91 -10.99 13.03
N1 A1IPV C . 12.31 -12.08 10.72
C1 A1IPV C . 16.57 -14.19 6.28
N2 A1IPV C . 11.16 -12.09 11.48
C6 A1IPV C . 12.47 -13.29 10.23
C7 A1IPV C . 10.71 -10.92 12.12
C8 A1IPV C . 11.20 -9.60 11.60
C9 A1IPV C . 10.89 -9.24 10.30
C5 A1IPV C . 13.57 -13.53 9.29
C4 A1IPV C . 13.90 -12.52 8.37
C10 A1IPV C . 11.29 -8.02 9.78
C11 A1IPV C . 12.02 -7.16 10.56
C26 A1IPV C . 13.32 -19.15 13.54
C12 A1IPV C . 12.33 -7.50 11.87
C13 A1IPV C . 11.92 -8.72 12.41
C14 A1IPV C . 12.28 -9.04 13.82
C15 A1IPV C . 10.54 -13.33 11.42
C19 A1IPV C . 10.99 -15.45 10.34
C20 A1IPV C . 11.36 -14.12 10.61
C21 A1IPV C . 14.23 -14.77 9.19
C22 A1IPV C . 14.73 -16.92 10.17
C23 A1IPV C . 14.22 -17.70 11.35
C24 A1IPV C . 12.97 -18.30 11.33
C25 A1IPV C . 12.52 -19.02 12.42
C27 A1IPV C . 14.56 -18.56 13.56
C28 A1IPV C . 15.93 -19.79 15.14
C29 A1IPV C . 15.01 -17.82 12.48
C30 A1IPV C . 15.20 -14.96 8.23
F1 A1IPV C . 12.55 -10.34 14.03
F2 A1IPV C . 13.31 -8.35 14.24
F3 A1IPV C . 11.27 -8.81 14.67
F4 A1IPV C . 17.12 -20.03 14.62
F5 A1IPV C . 15.24 -20.86 14.85
F6 A1IPV C . 16.00 -19.80 16.45
O1 A1IPV C . 16.53 -13.45 5.27
O4 A1IPV C . 13.90 -15.74 10.09
O5 A1IPV C . 15.38 -18.65 14.73
CL1 A1IPV C . 9.98 -10.31 9.29
CL2 A1IPV C . 9.31 -17.56 10.57
O2 A1IPV D . -18.99 15.87 -2.25
C17 A1IPV D . -13.46 16.32 5.91
C18 A1IPV D . -13.78 17.01 4.73
C2 A1IPV D . -17.64 14.78 -0.66
C3 A1IPV D . -17.11 13.57 -0.22
C16 A1IPV D . -14.00 15.08 6.15
O3 A1IPV D . -15.19 12.44 7.16
N1 A1IPV D . -16.24 13.24 3.93
C1 A1IPV D . -18.20 14.91 -2.04
N2 A1IPV D . -15.54 13.32 5.12
C6 A1IPV D . -16.07 14.37 3.28
C7 A1IPV D . -15.54 12.24 6.02
C8 A1IPV D . -15.93 10.88 5.52
C9 A1IPV D . -15.21 10.30 4.47
C5 A1IPV D . -16.67 14.53 1.95
C4 A1IPV D . -16.61 13.45 1.06
C10 A1IPV D . -15.55 9.05 3.98
C11 A1IPV D . -16.59 8.36 4.54
C26 A1IPV D . -18.18 20.70 5.30
C12 A1IPV D . -17.31 8.91 5.59
C13 A1IPV D . -17.00 10.17 6.08
C14 A1IPV D . -17.80 10.70 7.23
C15 A1IPV D . -14.85 14.53 5.19
C19 A1IPV D . -14.63 16.50 3.78
C20 A1IPV D . -15.17 15.22 4.00
C21 A1IPV D . -17.19 15.75 1.50
C22 A1IPV D . -17.98 17.95 2.02
C23 A1IPV D . -18.04 18.91 3.18
C24 A1IPV D . -16.89 19.54 3.63
C25 A1IPV D . -16.97 20.43 4.69
C27 A1IPV D . -19.32 20.07 4.85
C28 A1IPV D . -21.14 21.53 5.30
C29 A1IPV D . -19.25 19.18 3.79
C30 A1IPV D . -17.70 15.86 0.22
F1 A1IPV D . -17.17 10.58 8.39
F2 A1IPV D . -18.11 11.98 7.08
F3 A1IPV D . -18.93 10.03 7.40
F4 A1IPV D . -20.35 22.53 5.62
F5 A1IPV D . -22.23 21.64 6.04
F6 A1IPV D . -21.51 21.70 4.03
O1 A1IPV D . -17.85 14.07 -2.91
O4 A1IPV D . -17.23 16.78 2.38
O5 A1IPV D . -20.57 20.34 5.47
CL1 A1IPV D . -13.88 11.12 3.72
CL2 A1IPV D . -13.07 18.60 4.48
#